data_8RUJ
#
_entry.id   8RUJ
#
_cell.length_a   89.570
_cell.length_b   95.098
_cell.length_c   227.801
_cell.angle_alpha   90.00
_cell.angle_beta   90.00
_cell.angle_gamma   90.00
#
_symmetry.space_group_name_H-M   'P 21 21 21'
#
loop_
_entity.id
_entity.type
_entity.pdbx_description
1 polymer 'Domains 1-5'
2 non-polymer 2-[2,6-bis(bromanyl)-3,4,5-tris(oxidanyl)phenyl]carbonyl-~{N}-(2-pyrrolidin-1-ylethyl)-1-benzofuran-5-carboxamide
3 non-polymer 'MAGNESIUM ION'
4 non-polymer 'POTASSIUM ION'
5 water water
#
_entity_poly.entity_id   1
_entity_poly.type   'polyribonucleotide'
_entity_poly.pdbx_seq_one_letter_code
;GUGUGCCCGGCAUGGGUGCAGUCUAUAGGGUGAGAGUCCCGAACUGUGAAGGCAGAAGUAACAGUUAGCCUAACGCAAGG
GUGUCCGUGGCGACAUGGAAUCUGAAGGAAGCGGACGGCAAACCUUCGGUCUGAGGAACACGAACUUCAUAUGAGGCUAG
GUAUCAAUGGAUGAGUUUGCAUAACAAAACAAAGUCCUUUCUGCCAAAGUUGGUACAGAGUAAAUGAAGCAGAUUGAUGA
AGGGAAAGACUGCAUUCUUACCCGGGGAGGUCUGGAAACAGAAGUCAGCAGAAGUCAUAGUACCCUGUUCGCAGGGGAAG
GACGGAACAAGUAUGGCGUUCGCGCCUAAGCUUGAACCGCCGUAUACCGAACGGUACGUACGGUGGUGUGG
;
_entity_poly.pdbx_strand_id   A
#